data_6SYW
#
_entry.id   6SYW
#
_cell.length_a   47.318
_cell.length_b   66.856
_cell.length_c   49.286
_cell.angle_alpha   90.000
_cell.angle_beta   91.990
_cell.angle_gamma   90.000
#
_symmetry.space_group_name_H-M   'P 1 21 1'
#
loop_
_entity.id
_entity.type
_entity.pdbx_description
1 polymer 'aldose reductase'
2 non-polymer 'NADP NICOTINAMIDE-ADENINE-DINUCLEOTIDE PHOSPHATE'
3 non-polymer 'CITRIC ACID'
4 non-polymer '2-[2-(cyclopropylmethylcarbamoyl)-5-fluoranyl-phenoxy]ethanoic acid'
5 water water
#
_entity_poly.entity_id   1
_entity_poly.type   'polypeptide(L)'
_entity_poly.pdbx_seq_one_letter_code
;MASRILLNNGAKMPILGLGTWKSPPGQVTEAVKVAIDVGYRHIDCAHVYQNENEVGVAIQEKLREQVVKREELFIVSKLW
CTYHEKGLVKGACQKTLSDLKLDYLDLYLIHWPTGFKPGKEFFPLDESGNVVPSDTNILDTWAAMEELVDEGLVKAIGIS
NFNHLQVEMILNKPGLKYKPAVNQIECHPYLTQEKLIQYCQSKGIVVTAYSPLGSPDRPWAKPEDPSLLEDPRIKAIAAK
HNKTTAQVLIRFPMQRNLVVIPKSVTPERIAENFKVFDFELSSQDMTTLLSYNRNWRVCALLSCTSHKDYPFHEEF
;
_entity_poly.pdbx_strand_id   A
#
loop_
_chem_comp.id
_chem_comp.type
_chem_comp.name
_chem_comp.formula
CIT non-polymer 'CITRIC ACID' 'C6 H8 O7'
M0K non-polymer '2-[2-(cyclopropylmethylcarbamoyl)-5-fluoranyl-phenoxy]ethanoic acid' 'C13 H14 F N O4'
NAP non-polymer 'NADP NICOTINAMIDE-ADENINE-DINUCLEOTIDE PHOSPHATE' 'C21 H28 N7 O17 P3'
#
# COMPACT_ATOMS: atom_id res chain seq x y z
N MET A 1 10.00 -16.56 -12.04
CA MET A 1 9.19 -15.68 -11.16
C MET A 1 7.87 -16.34 -10.78
N ALA A 2 7.78 -16.84 -9.54
CA ALA A 2 6.52 -17.34 -9.00
C ALA A 2 5.55 -16.18 -8.82
N SER A 3 4.26 -16.49 -8.84
CA SER A 3 3.27 -15.43 -8.78
C SER A 3 2.99 -14.94 -7.36
N ARG A 4 3.32 -15.71 -6.33
CA ARG A 4 2.96 -15.37 -4.94
C ARG A 4 4.20 -15.49 -4.06
N ILE A 5 4.21 -14.69 -2.99
CA ILE A 5 5.25 -14.70 -1.98
C ILE A 5 4.66 -15.15 -0.65
N LEU A 6 5.41 -15.95 0.08
CA LEU A 6 4.95 -16.47 1.36
C LEU A 6 5.13 -15.43 2.45
N LEU A 7 4.05 -15.15 3.17
CA LEU A 7 4.05 -14.24 4.31
C LEU A 7 4.33 -15.00 5.61
N ASN A 8 4.73 -14.24 6.63
CA ASN A 8 5.04 -14.79 7.94
C ASN A 8 3.79 -15.18 8.75
N ASN A 9 2.60 -15.08 8.17
CA ASN A 9 1.39 -15.70 8.73
C ASN A 9 1.07 -17.03 8.06
N GLY A 10 1.93 -17.51 7.14
CA GLY A 10 1.70 -18.76 6.45
C GLY A 10 0.87 -18.68 5.18
N ALA A 11 0.33 -17.52 4.85
CA ALA A 11 -0.46 -17.32 3.65
C ALA A 11 0.42 -16.82 2.52
N LYS A 12 -0.06 -17.02 1.28
CA LYS A 12 0.65 -16.55 0.09
C LYS A 12 -0.04 -15.31 -0.47
N MET A 13 0.79 -14.35 -0.89
CA MET A 13 0.33 -13.04 -1.36
C MET A 13 0.74 -12.86 -2.82
N PRO A 14 -0.17 -12.56 -3.73
CA PRO A 14 0.23 -12.28 -5.13
C PRO A 14 1.16 -11.08 -5.19
N ILE A 15 2.27 -11.25 -5.93
CA ILE A 15 3.28 -10.21 -6.04
C ILE A 15 2.85 -9.05 -6.89
N LEU A 16 1.82 -9.21 -7.72
CA LEU A 16 1.27 -8.11 -8.50
C LEU A 16 -0.17 -7.87 -8.05
N GLY A 17 -0.48 -6.62 -7.71
CA GLY A 17 -1.82 -6.22 -7.40
C GLY A 17 -2.20 -4.94 -8.11
N LEU A 18 -3.50 -4.63 -8.07
CA LEU A 18 -4.05 -3.43 -8.66
C LEU A 18 -4.23 -2.36 -7.59
N GLY A 19 -3.60 -1.19 -7.81
CA GLY A 19 -3.84 -0.04 -6.96
C GLY A 19 -5.14 0.66 -7.29
N THR A 20 -5.71 1.34 -6.28
CA THR A 20 -7.00 2.01 -6.43
C THR A 20 -7.05 3.44 -5.90
N TRP A 21 -5.94 4.00 -5.43
CA TRP A 21 -5.93 5.40 -5.04
C TRP A 21 -6.10 6.26 -6.28
N LYS A 22 -7.08 7.17 -6.24
CA LYS A 22 -7.41 8.12 -7.30
C LYS A 22 -8.26 7.49 -8.39
N SER A 23 -8.58 6.19 -8.29
CA SER A 23 -9.44 5.58 -9.29
C SER A 23 -10.84 6.14 -9.10
N PRO A 24 -11.42 6.83 -10.08
CA PRO A 24 -12.69 7.50 -9.83
C PRO A 24 -13.78 6.48 -9.52
N PRO A 25 -14.72 6.83 -8.66
CA PRO A 25 -15.74 5.86 -8.30
C PRO A 25 -16.54 5.35 -9.49
N GLY A 26 -16.72 6.16 -10.55
CA GLY A 26 -17.44 5.74 -11.75
C GLY A 26 -16.63 4.94 -12.74
N GLN A 27 -15.35 4.71 -12.43
CA GLN A 27 -14.48 3.93 -13.28
C GLN A 27 -13.88 2.73 -12.58
N VAL A 28 -13.87 2.71 -11.24
CA VAL A 28 -13.12 1.68 -10.55
C VAL A 28 -13.82 0.34 -10.56
N THR A 29 -15.15 0.29 -10.63
CA THR A 29 -15.82 -1.00 -10.72
C THR A 29 -15.37 -1.73 -11.98
N GLU A 30 -15.44 -1.05 -13.14
N GLU A 30 -15.40 -1.05 -13.12
CA GLU A 30 -14.93 -1.63 -14.38
CA GLU A 30 -14.95 -1.71 -14.35
C GLU A 30 -13.47 -2.03 -14.23
C GLU A 30 -13.45 -1.98 -14.32
N ALA A 31 -12.66 -1.12 -13.69
CA ALA A 31 -11.21 -1.38 -13.61
C ALA A 31 -10.96 -2.70 -12.89
N VAL A 32 -11.63 -2.90 -11.76
CA VAL A 32 -11.39 -4.10 -10.97
C VAL A 32 -11.96 -5.32 -11.68
N LYS A 33 -13.12 -5.19 -12.34
CA LYS A 33 -13.65 -6.30 -13.12
C LYS A 33 -12.67 -6.71 -14.22
N VAL A 34 -12.15 -5.75 -14.98
CA VAL A 34 -11.18 -6.03 -16.02
C VAL A 34 -9.96 -6.69 -15.41
N ALA A 35 -9.44 -6.10 -14.31
CA ALA A 35 -8.25 -6.64 -13.68
C ALA A 35 -8.44 -8.11 -13.35
N ILE A 36 -9.54 -8.45 -12.69
CA ILE A 36 -9.78 -9.86 -12.35
C ILE A 36 -9.88 -10.70 -13.61
N ASP A 37 -10.57 -10.19 -14.63
CA ASP A 37 -10.71 -10.95 -15.88
C ASP A 37 -9.35 -11.25 -16.51
N VAL A 38 -8.38 -10.34 -16.42
CA VAL A 38 -7.09 -10.51 -17.08
C VAL A 38 -6.02 -11.07 -16.16
N GLY A 39 -6.38 -11.48 -14.93
CA GLY A 39 -5.49 -12.29 -14.11
C GLY A 39 -5.17 -11.73 -12.74
N TYR A 40 -5.47 -10.48 -12.46
CA TYR A 40 -5.13 -9.95 -11.13
C TYR A 40 -5.92 -10.69 -10.07
N ARG A 41 -5.24 -10.96 -8.96
CA ARG A 41 -5.85 -11.64 -7.83
C ARG A 41 -5.64 -10.86 -6.53
N HIS A 42 -5.05 -9.69 -6.59
CA HIS A 42 -4.71 -8.86 -5.44
C HIS A 42 -5.16 -7.45 -5.78
N ILE A 43 -5.98 -6.86 -4.90
CA ILE A 43 -6.45 -5.49 -5.03
C ILE A 43 -6.01 -4.73 -3.76
N ASP A 44 -5.37 -3.57 -3.95
CA ASP A 44 -4.97 -2.71 -2.85
C ASP A 44 -5.99 -1.58 -2.69
N CYS A 45 -6.57 -1.49 -1.49
CA CYS A 45 -7.69 -0.61 -1.19
C CYS A 45 -7.36 0.24 0.04
N ALA A 46 -8.22 1.23 0.30
CA ALA A 46 -8.18 1.93 1.58
C ALA A 46 -9.47 2.70 1.78
N HIS A 47 -9.91 2.79 3.04
CA HIS A 47 -11.09 3.60 3.33
C HIS A 47 -10.91 5.05 2.89
N VAL A 48 -9.71 5.61 3.06
CA VAL A 48 -9.50 7.02 2.75
C VAL A 48 -9.61 7.28 1.24
N TYR A 49 -9.52 6.24 0.41
CA TYR A 49 -9.65 6.43 -1.04
C TYR A 49 -11.08 6.72 -1.48
N GLN A 50 -12.06 6.48 -0.61
CA GLN A 50 -13.46 6.85 -0.83
C GLN A 50 -14.10 6.10 -1.99
N ASN A 51 -13.59 4.92 -2.33
CA ASN A 51 -14.12 4.14 -3.45
C ASN A 51 -14.22 2.66 -3.11
N GLU A 52 -14.19 2.30 -1.83
CA GLU A 52 -14.27 0.87 -1.51
C GLU A 52 -15.62 0.27 -1.85
N ASN A 53 -16.71 1.03 -1.75
CA ASN A 53 -18.01 0.47 -2.14
C ASN A 53 -17.97 -0.03 -3.58
N GLU A 54 -17.42 0.80 -4.47
CA GLU A 54 -17.37 0.51 -5.90
C GLU A 54 -16.36 -0.59 -6.21
N VAL A 55 -15.23 -0.63 -5.51
CA VAL A 55 -14.33 -1.77 -5.63
C VAL A 55 -15.07 -3.05 -5.26
N GLY A 56 -15.82 -2.98 -4.15
CA GLY A 56 -16.56 -4.14 -3.68
C GLY A 56 -17.59 -4.65 -4.65
N VAL A 57 -18.27 -3.74 -5.37
CA VAL A 57 -19.23 -4.18 -6.38
C VAL A 57 -18.55 -5.09 -7.39
N ALA A 58 -17.35 -4.70 -7.83
CA ALA A 58 -16.62 -5.52 -8.81
C ALA A 58 -16.23 -6.88 -8.24
N ILE A 59 -15.67 -6.88 -7.03
CA ILE A 59 -15.26 -8.14 -6.40
C ILE A 59 -16.46 -9.08 -6.30
N GLN A 60 -17.58 -8.55 -5.79
CA GLN A 60 -18.76 -9.36 -5.58
C GLN A 60 -19.28 -9.92 -6.89
N GLU A 61 -19.26 -9.12 -7.95
N GLU A 61 -19.32 -9.11 -7.95
CA GLU A 61 -19.77 -9.58 -9.22
CA GLU A 61 -19.78 -9.62 -9.24
C GLU A 61 -18.90 -10.66 -9.81
C GLU A 61 -18.89 -10.77 -9.70
N LYS A 62 -17.57 -10.59 -9.62
CA LYS A 62 -16.68 -11.63 -10.14
C LYS A 62 -16.76 -12.91 -9.31
N LEU A 63 -17.00 -12.78 -8.00
CA LEU A 63 -17.29 -13.96 -7.17
C LEU A 63 -18.61 -14.60 -7.60
N ARG A 64 -19.65 -13.79 -7.80
CA ARG A 64 -20.95 -14.32 -8.20
C ARG A 64 -20.88 -15.01 -9.56
N GLU A 65 -20.16 -14.41 -10.52
CA GLU A 65 -19.94 -14.98 -11.85
C GLU A 65 -19.06 -16.23 -11.80
N GLN A 66 -18.39 -16.51 -10.67
CA GLN A 66 -17.46 -17.63 -10.53
C GLN A 66 -16.30 -17.50 -11.50
N VAL A 67 -15.87 -16.25 -11.72
CA VAL A 67 -14.60 -15.99 -12.40
C VAL A 67 -13.44 -16.39 -11.52
N VAL A 68 -13.62 -16.16 -10.20
N VAL A 68 -13.64 -16.24 -10.20
CA VAL A 68 -12.64 -16.49 -9.17
CA VAL A 68 -12.62 -16.46 -9.19
C VAL A 68 -13.43 -16.99 -7.96
C VAL A 68 -13.35 -16.83 -7.91
N LYS A 69 -12.71 -17.67 -7.09
CA LYS A 69 -13.18 -18.02 -5.75
C LYS A 69 -12.58 -17.06 -4.74
N ARG A 70 -13.26 -16.86 -3.60
CA ARG A 70 -12.77 -15.92 -2.61
C ARG A 70 -11.37 -16.30 -2.15
N GLU A 71 -11.09 -17.59 -1.98
CA GLU A 71 -9.78 -18.01 -1.49
C GLU A 71 -8.66 -17.66 -2.46
N GLU A 72 -8.98 -17.43 -3.73
CA GLU A 72 -8.00 -17.06 -4.74
C GLU A 72 -7.71 -15.56 -4.76
N LEU A 73 -8.53 -14.76 -4.12
CA LEU A 73 -8.32 -13.33 -4.06
C LEU A 73 -7.55 -12.95 -2.81
N PHE A 74 -6.82 -11.85 -2.93
CA PHE A 74 -6.02 -11.30 -1.85
C PHE A 74 -6.36 -9.82 -1.76
N ILE A 75 -7.25 -9.48 -0.83
CA ILE A 75 -7.79 -8.13 -0.73
C ILE A 75 -7.15 -7.45 0.48
N VAL A 76 -6.58 -6.27 0.21
CA VAL A 76 -5.84 -5.47 1.18
C VAL A 76 -6.59 -4.17 1.43
N SER A 77 -6.74 -3.77 2.70
CA SER A 77 -7.15 -2.41 2.98
C SER A 77 -6.32 -1.86 4.14
N LYS A 78 -6.66 -0.65 4.56
CA LYS A 78 -5.83 0.11 5.46
C LYS A 78 -6.68 0.93 6.42
N LEU A 79 -6.24 0.96 7.66
CA LEU A 79 -6.84 1.73 8.77
C LEU A 79 -6.39 3.18 8.65
N TRP A 80 -7.31 4.11 8.48
CA TRP A 80 -6.95 5.50 8.33
C TRP A 80 -6.52 6.10 9.69
N CYS A 81 -5.82 7.23 9.59
CA CYS A 81 -5.14 7.86 10.72
C CYS A 81 -6.10 8.33 11.82
N THR A 82 -7.34 8.64 11.47
CA THR A 82 -8.34 9.12 12.43
C THR A 82 -9.02 7.96 13.19
N TYR A 83 -8.53 6.74 13.01
CA TYR A 83 -9.09 5.55 13.66
C TYR A 83 -8.02 4.80 14.47
N HIS A 84 -6.95 5.47 14.91
N HIS A 84 -6.92 5.47 14.84
CA HIS A 84 -5.92 4.75 15.65
CA HIS A 84 -5.95 4.90 15.79
C HIS A 84 -6.32 4.40 17.09
C HIS A 84 -6.47 5.05 17.23
N GLU A 85 -7.30 5.08 17.69
N GLU A 85 -7.55 4.38 17.53
CA GLU A 85 -7.74 4.69 19.04
CA GLU A 85 -8.12 4.46 18.86
C GLU A 85 -8.27 3.23 19.07
C GLU A 85 -8.55 3.06 19.13
N LYS A 86 -8.07 2.51 20.20
CA LYS A 86 -8.40 1.09 20.31
C LYS A 86 -9.92 0.84 20.16
N GLY A 87 -10.77 1.75 20.62
CA GLY A 87 -12.23 1.59 20.47
C GLY A 87 -12.79 1.90 19.10
N LEU A 88 -11.96 2.36 18.17
CA LEU A 88 -12.40 2.66 16.81
C LEU A 88 -11.89 1.68 15.75
N VAL A 89 -10.87 0.88 16.06
CA VAL A 89 -10.24 0.06 15.05
C VAL A 89 -11.21 -0.97 14.47
N LYS A 90 -11.95 -1.67 15.32
CA LYS A 90 -12.84 -2.72 14.82
C LYS A 90 -13.89 -2.14 13.90
N GLY A 91 -14.52 -1.03 14.29
CA GLY A 91 -15.55 -0.42 13.46
C GLY A 91 -15.01 0.07 12.14
N ALA A 92 -13.77 0.59 12.12
CA ALA A 92 -13.17 1.02 10.87
C ALA A 92 -12.95 -0.18 9.95
N CYS A 93 -12.48 -1.28 10.51
CA CYS A 93 -12.27 -2.47 9.72
C CYS A 93 -13.62 -2.98 9.19
N GLN A 94 -14.63 -3.00 10.05
N GLN A 94 -14.64 -3.00 10.07
CA GLN A 94 -15.94 -3.50 9.63
CA GLN A 94 -15.97 -3.47 9.71
C GLN A 94 -16.56 -2.62 8.55
C GLN A 94 -16.62 -2.61 8.61
N LYS A 95 -16.38 -1.30 8.62
CA LYS A 95 -16.90 -0.44 7.54
C LYS A 95 -16.26 -0.82 6.21
N THR A 96 -14.94 -1.00 6.22
CA THR A 96 -14.24 -1.48 5.03
C THR A 96 -14.78 -2.81 4.56
N LEU A 97 -14.96 -3.78 5.48
CA LEU A 97 -15.50 -5.08 5.09
C LEU A 97 -16.87 -4.94 4.47
N SER A 98 -17.72 -4.14 5.11
N SER A 98 -17.72 -4.10 5.08
CA SER A 98 -19.07 -3.93 4.61
CA SER A 98 -19.09 -3.97 4.59
C SER A 98 -19.02 -3.36 3.19
C SER A 98 -19.11 -3.29 3.23
N ASP A 99 -18.22 -2.31 3.01
CA ASP A 99 -18.12 -1.66 1.70
C ASP A 99 -17.57 -2.61 0.64
N LEU A 100 -16.53 -3.37 0.99
CA LEU A 100 -15.94 -4.29 0.03
C LEU A 100 -16.79 -5.55 -0.16
N LYS A 101 -17.79 -5.70 0.72
N LYS A 101 -17.87 -5.76 0.57
CA LYS A 101 -18.74 -6.82 0.76
CA LYS A 101 -18.72 -6.95 0.38
C LYS A 101 -17.98 -8.14 0.90
C LYS A 101 -18.10 -8.22 0.96
N LEU A 102 -17.13 -8.12 1.89
CA LEU A 102 -16.34 -9.26 2.30
C LEU A 102 -16.60 -9.62 3.74
N ASP A 103 -16.29 -10.86 4.11
N ASP A 103 -16.29 -10.87 4.04
CA ASP A 103 -16.32 -11.28 5.51
CA ASP A 103 -16.35 -11.38 5.39
C ASP A 103 -14.94 -11.44 6.12
C ASP A 103 -15.00 -11.25 6.10
N TYR A 104 -13.90 -11.19 5.35
CA TYR A 104 -12.57 -11.01 5.92
C TYR A 104 -11.72 -10.27 4.90
N LEU A 105 -10.67 -9.62 5.40
CA LEU A 105 -9.58 -9.10 4.57
C LEU A 105 -8.41 -10.06 4.61
N ASP A 106 -7.69 -10.18 3.50
CA ASP A 106 -6.44 -10.94 3.53
C ASP A 106 -5.35 -10.21 4.28
N LEU A 107 -5.34 -8.88 4.23
CA LEU A 107 -4.32 -8.09 4.87
C LEU A 107 -4.91 -6.73 5.22
N TYR A 108 -4.66 -6.29 6.46
CA TYR A 108 -5.11 -4.98 6.91
C TYR A 108 -3.91 -4.24 7.45
N LEU A 109 -3.67 -3.03 6.93
CA LEU A 109 -2.47 -2.25 7.26
C LEU A 109 -2.81 -1.03 8.09
N ILE A 110 -1.92 -0.68 9.03
CA ILE A 110 -1.94 0.68 9.57
C ILE A 110 -1.43 1.61 8.46
N HIS A 111 -2.30 2.51 7.96
CA HIS A 111 -2.00 3.23 6.72
C HIS A 111 -0.77 4.14 6.86
N TRP A 112 -0.69 4.85 8.00
CA TRP A 112 0.44 5.68 8.34
C TRP A 112 0.69 5.51 9.84
N PRO A 113 1.92 5.75 10.29
CA PRO A 113 2.19 5.63 11.73
C PRO A 113 1.56 6.75 12.57
N THR A 114 1.15 7.83 11.92
CA THR A 114 0.60 9.01 12.58
C THR A 114 -0.89 8.86 12.87
N GLY A 115 -1.27 8.96 14.15
CA GLY A 115 -2.67 9.02 14.52
C GLY A 115 -3.17 10.46 14.58
N PHE A 116 -4.39 10.68 14.13
CA PHE A 116 -5.03 12.00 14.12
C PHE A 116 -6.29 11.97 15.00
N LYS A 117 -6.73 13.14 15.42
CA LYS A 117 -7.97 13.26 16.17
C LYS A 117 -9.14 12.61 15.43
N PRO A 118 -9.91 11.74 16.07
N PRO A 118 -9.92 11.76 16.08
CA PRO A 118 -11.07 11.13 15.41
CA PRO A 118 -11.07 11.17 15.40
C PRO A 118 -12.17 12.16 15.12
C PRO A 118 -12.10 12.21 15.03
N GLY A 119 -12.92 11.87 14.07
CA GLY A 119 -13.99 12.74 13.65
C GLY A 119 -14.27 12.53 12.17
N LYS A 120 -15.10 13.41 11.61
CA LYS A 120 -15.53 13.25 10.22
C LYS A 120 -14.41 13.55 9.24
N GLU A 121 -13.53 14.47 9.59
N GLU A 121 -13.55 14.49 9.57
CA GLU A 121 -12.48 14.92 8.69
CA GLU A 121 -12.48 14.91 8.69
C GLU A 121 -11.27 13.99 8.70
C GLU A 121 -11.33 13.92 8.70
N PHE A 122 -10.83 13.60 7.52
CA PHE A 122 -9.66 12.73 7.40
C PHE A 122 -8.36 13.41 7.83
N PHE A 123 -8.30 14.74 7.68
CA PHE A 123 -7.17 15.55 8.11
C PHE A 123 -7.71 16.66 9.01
N PRO A 124 -7.84 16.44 10.31
N PRO A 124 -8.02 16.38 10.28
CA PRO A 124 -8.13 17.58 11.19
CA PRO A 124 -8.59 17.41 11.16
C PRO A 124 -6.87 18.44 11.32
C PRO A 124 -7.55 18.49 11.40
N LEU A 125 -6.98 19.70 10.93
N LEU A 125 -7.96 19.75 11.26
CA LEU A 125 -5.85 20.62 10.95
CA LEU A 125 -7.02 20.86 11.35
C LEU A 125 -6.06 21.73 11.98
C LEU A 125 -7.31 21.75 12.55
N ASP A 126 -4.95 22.34 12.40
N ASP A 126 -6.24 22.32 13.12
CA ASP A 126 -4.98 23.57 13.18
CA ASP A 126 -6.42 23.43 14.05
C ASP A 126 -4.49 24.76 12.33
C ASP A 126 -6.60 24.70 13.25
N GLU A 127 -4.40 25.93 12.97
N GLU A 127 -6.93 25.79 13.95
CA GLU A 127 -4.13 27.19 12.27
CA GLU A 127 -7.29 27.02 13.25
C GLU A 127 -2.73 27.28 11.68
C GLU A 127 -6.11 27.58 12.48
N SER A 128 -1.80 26.41 12.09
N SER A 128 -4.91 27.11 12.79
CA SER A 128 -0.47 26.37 11.50
CA SER A 128 -3.70 27.54 12.13
C SER A 128 -0.40 25.47 10.28
C SER A 128 -3.23 26.59 11.03
N GLY A 129 -1.51 24.84 9.90
N GLY A 129 -3.97 25.50 10.75
CA GLY A 129 -1.49 23.88 8.81
CA GLY A 129 -3.67 24.61 9.63
C GLY A 129 -1.04 22.51 9.23
C GLY A 129 -2.87 23.36 9.95
N ASN A 130 -0.85 22.29 10.52
N ASN A 130 -2.45 23.16 11.19
CA ASN A 130 -0.43 21.00 11.04
CA ASN A 130 -1.76 21.94 11.57
C ASN A 130 -1.64 20.21 11.55
C ASN A 130 -2.77 20.81 11.72
N VAL A 131 -1.56 18.90 11.42
N VAL A 131 -2.34 19.61 11.39
CA VAL A 131 -2.70 18.05 11.76
CA VAL A 131 -3.18 18.43 11.61
C VAL A 131 -3.00 18.14 13.26
C VAL A 131 -3.09 18.05 13.09
N VAL A 132 -4.22 17.84 13.70
CA VAL A 132 -4.43 17.61 15.12
C VAL A 132 -4.13 16.16 15.43
N PRO A 133 -3.09 15.86 16.23
CA PRO A 133 -2.75 14.45 16.51
C PRO A 133 -3.71 13.81 17.50
N SER A 134 -3.65 12.50 17.56
N SER A 134 -3.69 12.47 17.48
CA SER A 134 -4.19 11.81 18.70
CA SER A 134 -4.15 11.60 18.56
C SER A 134 -3.05 11.25 19.52
C SER A 134 -3.00 11.34 19.52
N ASP A 135 -3.32 11.12 20.81
CA ASP A 135 -2.33 10.62 21.76
C ASP A 135 -2.13 9.12 21.74
N THR A 136 -2.88 8.35 20.94
N THR A 136 -2.64 8.45 20.74
CA THR A 136 -2.78 6.88 21.01
CA THR A 136 -2.33 7.06 20.57
C THR A 136 -1.48 6.46 20.37
C THR A 136 -0.91 6.87 20.03
N ASN A 137 -0.66 5.73 21.11
N ASN A 137 -0.38 5.70 20.27
CA ASN A 137 0.61 5.36 20.47
CA ASN A 137 0.94 5.37 19.81
C ASN A 137 0.48 4.13 19.58
C ASN A 137 0.83 4.11 19.00
N ILE A 138 1.47 4.04 18.70
N ILE A 138 1.91 3.79 18.28
CA ILE A 138 1.65 3.01 17.67
CA ILE A 138 1.81 2.70 17.33
C ILE A 138 1.36 1.62 18.25
C ILE A 138 1.67 1.37 18.06
N LEU A 139 2.04 1.30 19.34
CA LEU A 139 1.97 -0.01 19.98
C LEU A 139 0.57 -0.39 20.40
N ASP A 140 -0.19 0.58 20.92
CA ASP A 140 -1.58 0.31 21.27
C ASP A 140 -2.42 0.12 20.02
N THR A 141 -2.14 0.86 18.96
CA THR A 141 -2.85 0.61 17.71
C THR A 141 -2.54 -0.80 17.21
N TRP A 142 -1.27 -1.21 17.33
CA TRP A 142 -0.91 -2.57 16.90
C TRP A 142 -1.68 -3.63 17.69
N ALA A 143 -1.81 -3.45 19.00
CA ALA A 143 -2.57 -4.42 19.80
C ALA A 143 -4.01 -4.51 19.30
N ALA A 144 -4.60 -3.39 18.90
CA ALA A 144 -5.94 -3.40 18.35
C ALA A 144 -5.99 -4.15 17.02
N MET A 145 -4.96 -4.01 16.20
CA MET A 145 -4.87 -4.78 14.94
C MET A 145 -4.79 -6.28 15.23
N GLU A 146 -4.01 -6.66 16.24
CA GLU A 146 -3.88 -8.07 16.60
C GLU A 146 -5.24 -8.67 16.97
N GLU A 147 -6.10 -7.87 17.62
N GLU A 147 -6.09 -7.88 17.65
CA GLU A 147 -7.41 -8.36 17.99
CA GLU A 147 -7.42 -8.37 17.99
C GLU A 147 -8.29 -8.66 16.78
C GLU A 147 -8.20 -8.75 16.73
N LEU A 148 -8.06 -7.98 15.65
CA LEU A 148 -8.80 -8.26 14.42
C LEU A 148 -8.48 -9.65 13.88
N VAL A 149 -7.20 -10.07 14.00
CA VAL A 149 -6.83 -11.42 13.60
C VAL A 149 -7.57 -12.42 14.46
N ASP A 150 -7.57 -12.18 15.77
CA ASP A 150 -8.17 -13.11 16.71
C ASP A 150 -9.69 -13.15 16.63
N GLU A 151 -10.33 -12.18 16.00
CA GLU A 151 -11.75 -12.13 15.78
C GLU A 151 -12.17 -12.64 14.41
N GLY A 152 -11.21 -12.97 13.57
CA GLY A 152 -11.50 -13.51 12.24
C GLY A 152 -11.81 -12.48 11.18
N LEU A 153 -11.61 -11.20 11.46
N LEU A 153 -11.63 -11.19 11.47
CA LEU A 153 -11.93 -10.18 10.47
CA LEU A 153 -11.93 -10.15 10.49
C LEU A 153 -10.84 -10.00 9.44
C LEU A 153 -10.85 -10.05 9.42
N VAL A 154 -9.60 -10.36 9.78
CA VAL A 154 -8.48 -10.21 8.88
C VAL A 154 -7.57 -11.42 9.05
N LYS A 155 -6.96 -11.87 7.94
N LYS A 155 -6.93 -11.84 7.97
CA LYS A 155 -6.02 -13.00 7.97
CA LYS A 155 -6.03 -12.98 8.04
C LYS A 155 -4.61 -12.57 8.38
C LYS A 155 -4.58 -12.60 8.27
N ALA A 156 -4.23 -11.35 8.02
CA ALA A 156 -2.88 -10.83 8.26
C ALA A 156 -3.03 -9.35 8.58
N ILE A 157 -2.08 -8.86 9.35
CA ILE A 157 -1.95 -7.44 9.66
C ILE A 157 -0.54 -6.95 9.31
N GLY A 158 -0.46 -5.67 8.98
CA GLY A 158 0.81 -5.05 8.66
C GLY A 158 0.75 -3.55 8.81
N ILE A 159 1.76 -2.90 8.24
CA ILE A 159 2.02 -1.50 8.43
C ILE A 159 2.34 -0.87 7.08
N SER A 160 2.31 0.46 7.06
CA SER A 160 2.60 1.18 5.82
C SER A 160 3.22 2.52 6.19
N ASN A 161 4.24 2.91 5.43
CA ASN A 161 4.93 4.17 5.67
C ASN A 161 5.60 4.21 7.06
N PHE A 162 6.02 3.05 7.56
CA PHE A 162 6.78 2.99 8.80
C PHE A 162 8.27 2.99 8.47
N ASN A 163 9.02 3.83 9.17
CA ASN A 163 10.47 3.85 9.03
C ASN A 163 11.07 2.71 9.85
N HIS A 164 12.39 2.50 9.70
CA HIS A 164 12.94 1.29 10.31
C HIS A 164 12.83 1.31 11.83
N LEU A 165 12.96 2.49 12.45
CA LEU A 165 12.83 2.56 13.90
C LEU A 165 11.40 2.26 14.35
N GLN A 166 10.41 2.64 13.53
CA GLN A 166 9.02 2.36 13.83
C GLN A 166 8.69 0.89 13.65
N VAL A 167 9.24 0.27 12.60
CA VAL A 167 9.12 -1.19 12.46
C VAL A 167 9.74 -1.87 13.68
N GLU A 168 10.94 -1.43 14.05
CA GLU A 168 11.64 -2.00 15.21
C GLU A 168 10.82 -1.85 16.48
N MET A 169 10.14 -0.70 16.65
N MET A 169 10.14 -0.70 16.64
CA MET A 169 9.32 -0.51 17.85
CA MET A 169 9.28 -0.50 17.80
C MET A 169 8.29 -1.61 18.00
C MET A 169 8.15 -1.54 17.84
N ILE A 170 7.57 -1.95 16.92
N ILE A 170 7.60 -1.89 16.67
CA ILE A 170 6.60 -3.04 16.98
CA ILE A 170 6.59 -2.94 16.62
C ILE A 170 7.33 -4.36 17.19
C ILE A 170 7.21 -4.29 17.00
N LEU A 171 8.38 -4.61 16.42
CA LEU A 171 9.04 -5.89 16.63
C LEU A 171 9.48 -6.06 18.07
N ASN A 172 9.80 -4.95 18.76
CA ASN A 172 10.24 -4.97 20.15
C ASN A 172 9.08 -4.76 21.14
N LYS A 173 7.84 -4.74 20.66
CA LYS A 173 6.70 -4.45 21.52
C LYS A 173 6.61 -5.49 22.63
N PRO A 174 6.51 -5.07 23.90
CA PRO A 174 6.26 -6.05 24.95
C PRO A 174 4.98 -6.83 24.67
N GLY A 175 5.07 -8.14 24.75
CA GLY A 175 3.91 -8.96 24.55
C GLY A 175 3.45 -9.09 23.11
N LEU A 176 4.27 -8.73 22.14
CA LEU A 176 3.90 -8.83 20.73
C LEU A 176 3.31 -10.19 20.44
N LYS A 177 2.14 -10.20 19.81
CA LYS A 177 1.46 -11.45 19.48
C LYS A 177 1.62 -11.85 18.02
N TYR A 178 1.48 -10.90 17.11
CA TYR A 178 1.68 -11.16 15.68
C TYR A 178 2.64 -10.11 15.13
N LYS A 179 3.70 -10.59 14.46
CA LYS A 179 4.57 -9.66 13.76
C LYS A 179 3.83 -9.05 12.58
N PRO A 180 4.20 -7.82 12.18
N PRO A 180 4.20 -7.85 12.16
CA PRO A 180 3.73 -7.32 10.89
CA PRO A 180 3.63 -7.35 10.91
C PRO A 180 4.06 -8.32 9.78
C PRO A 180 4.08 -8.22 9.74
N ALA A 181 3.11 -8.53 8.87
CA ALA A 181 3.39 -9.38 7.72
C ALA A 181 4.02 -8.60 6.57
N VAL A 182 3.68 -7.33 6.45
CA VAL A 182 4.01 -6.48 5.32
C VAL A 182 4.29 -5.09 5.86
N ASN A 183 5.24 -4.40 5.22
CA ASN A 183 5.37 -2.95 5.27
C ASN A 183 5.23 -2.42 3.84
N GLN A 184 4.18 -1.65 3.60
CA GLN A 184 3.91 -1.08 2.28
C GLN A 184 4.49 0.33 2.24
N ILE A 185 5.45 0.56 1.33
CA ILE A 185 6.21 1.81 1.26
C ILE A 185 6.34 2.23 -0.19
N GLU A 186 6.58 3.52 -0.38
CA GLU A 186 6.85 4.03 -1.72
C GLU A 186 8.17 3.46 -2.20
N CYS A 187 8.22 2.99 -3.46
CA CYS A 187 9.49 2.47 -3.96
C CYS A 187 9.45 2.43 -5.47
N HIS A 188 10.50 2.97 -6.08
CA HIS A 188 10.63 3.06 -7.54
C HIS A 188 12.10 3.48 -7.80
N PRO A 189 12.52 3.58 -9.07
CA PRO A 189 13.94 3.91 -9.31
C PRO A 189 14.40 5.26 -8.78
N TYR A 190 13.51 6.19 -8.47
CA TYR A 190 13.94 7.45 -7.89
C TYR A 190 13.93 7.46 -6.35
N LEU A 191 13.44 6.37 -5.74
CA LEU A 191 13.34 6.20 -4.29
C LEU A 191 13.50 4.70 -4.04
N THR A 192 14.76 4.23 -4.07
CA THR A 192 15.02 2.81 -4.17
C THR A 192 14.98 2.08 -2.84
N GLN A 193 15.10 2.77 -1.72
CA GLN A 193 14.76 2.21 -0.41
C GLN A 193 15.64 1.03 0.01
N GLU A 194 16.91 0.96 -0.42
N GLU A 194 16.92 1.03 -0.38
CA GLU A 194 17.72 -0.21 -0.09
CA GLU A 194 17.74 -0.15 -0.15
C GLU A 194 17.74 -0.47 1.40
C GLU A 194 17.90 -0.46 1.34
N LYS A 195 18.01 0.57 2.19
CA LYS A 195 18.21 0.34 3.61
C LYS A 195 16.94 -0.21 4.26
N LEU A 196 15.80 0.41 4.01
CA LEU A 196 14.57 -0.05 4.69
C LEU A 196 14.13 -1.42 4.19
N ILE A 197 14.30 -1.67 2.90
CA ILE A 197 13.95 -2.99 2.35
C ILE A 197 14.80 -4.08 2.99
N GLN A 198 16.11 -3.86 3.07
N GLN A 198 16.12 -3.87 3.06
CA GLN A 198 16.99 -4.86 3.65
CA GLN A 198 16.94 -4.92 3.66
C GLN A 198 16.58 -5.14 5.10
C GLN A 198 16.55 -5.15 5.11
N TYR A 199 16.29 -4.08 5.85
CA TYR A 199 15.90 -4.26 7.24
C TYR A 199 14.63 -5.10 7.33
N CYS A 200 13.60 -4.74 6.58
CA CYS A 200 12.34 -5.46 6.66
C CYS A 200 12.51 -6.91 6.23
N GLN A 201 13.18 -7.12 5.10
CA GLN A 201 13.35 -8.48 4.60
C GLN A 201 14.14 -9.34 5.60
N SER A 202 15.12 -8.75 6.26
CA SER A 202 15.92 -9.49 7.24
C SER A 202 15.10 -9.95 8.43
N LYS A 203 13.96 -9.30 8.67
CA LYS A 203 13.05 -9.65 9.75
C LYS A 203 11.86 -10.49 9.27
N GLY A 204 11.86 -10.89 8.00
CA GLY A 204 10.80 -11.70 7.46
C GLY A 204 9.54 -10.94 7.11
N ILE A 205 9.60 -9.61 7.07
CA ILE A 205 8.49 -8.75 6.69
C ILE A 205 8.58 -8.54 5.18
N VAL A 206 7.49 -8.81 4.47
CA VAL A 206 7.44 -8.60 3.03
C VAL A 206 7.18 -7.12 2.75
N VAL A 207 7.88 -6.57 1.78
CA VAL A 207 7.70 -5.18 1.39
C VAL A 207 6.84 -5.11 0.15
N THR A 208 5.81 -4.24 0.19
CA THR A 208 5.06 -3.87 -0.99
C THR A 208 5.47 -2.47 -1.44
N ALA A 209 5.78 -2.35 -2.73
CA ALA A 209 6.16 -1.08 -3.36
C ALA A 209 4.92 -0.40 -3.91
N TYR A 210 4.64 0.80 -3.39
CA TYR A 210 3.58 1.64 -3.93
C TYR A 210 4.18 2.75 -4.80
N SER A 211 3.30 3.37 -5.60
CA SER A 211 3.66 4.36 -6.60
C SER A 211 4.82 3.89 -7.48
N PRO A 212 4.76 2.66 -8.00
CA PRO A 212 5.92 2.13 -8.76
C PRO A 212 6.17 2.84 -10.08
N LEU A 213 5.16 3.53 -10.60
CA LEU A 213 5.29 4.29 -11.84
C LEU A 213 5.56 5.77 -11.56
N GLY A 214 5.75 6.13 -10.29
CA GLY A 214 5.94 7.52 -9.93
C GLY A 214 4.67 8.32 -9.84
N SER A 215 3.52 7.66 -9.76
CA SER A 215 2.24 8.33 -9.53
C SER A 215 2.06 9.58 -10.38
N PRO A 216 2.07 9.45 -11.71
CA PRO A 216 1.91 10.65 -12.54
C PRO A 216 0.61 11.43 -12.30
N ASP A 217 -0.42 10.79 -11.75
CA ASP A 217 -1.70 11.43 -11.44
C ASP A 217 -1.80 11.94 -10.00
N ARG A 218 -0.72 11.91 -9.23
CA ARG A 218 -0.77 12.48 -7.90
C ARG A 218 -1.27 13.92 -7.96
N PRO A 219 -2.10 14.37 -7.02
CA PRO A 219 -2.76 15.68 -7.22
C PRO A 219 -1.82 16.86 -7.11
N TRP A 220 -0.66 16.70 -6.48
CA TRP A 220 0.31 17.78 -6.27
C TRP A 220 1.46 17.74 -7.27
N ALA A 221 1.33 16.99 -8.36
CA ALA A 221 2.38 16.92 -9.37
C ALA A 221 2.66 18.32 -9.90
N LYS A 222 3.93 18.60 -10.15
CA LYS A 222 4.39 19.84 -10.77
C LYS A 222 5.06 19.52 -12.10
N PRO A 223 4.95 20.39 -13.11
CA PRO A 223 5.57 20.10 -14.42
C PRO A 223 7.04 19.74 -14.37
N GLU A 224 7.81 20.37 -13.49
CA GLU A 224 9.26 20.19 -13.45
C GLU A 224 9.68 18.93 -12.70
N ASP A 225 8.75 18.18 -12.11
CA ASP A 225 9.11 17.02 -11.33
C ASP A 225 9.73 15.93 -12.23
N PRO A 226 10.58 15.08 -11.69
CA PRO A 226 11.07 13.96 -12.52
C PRO A 226 9.92 13.01 -12.88
N SER A 227 10.08 12.33 -14.02
CA SER A 227 9.06 11.47 -14.60
C SER A 227 9.69 10.14 -14.97
N LEU A 228 9.39 9.09 -14.21
CA LEU A 228 9.91 7.77 -14.52
C LEU A 228 9.48 7.28 -15.89
N LEU A 229 8.20 7.43 -16.21
CA LEU A 229 7.69 6.87 -17.46
C LEU A 229 8.32 7.54 -18.67
N GLU A 230 8.83 8.75 -18.51
N GLU A 230 8.84 8.75 -18.52
CA GLU A 230 9.45 9.52 -19.59
CA GLU A 230 9.46 9.47 -19.62
C GLU A 230 10.98 9.58 -19.49
C GLU A 230 10.98 9.45 -19.58
N ASP A 231 11.57 8.82 -18.59
CA ASP A 231 13.04 8.83 -18.42
C ASP A 231 13.67 8.05 -19.56
N PRO A 232 14.47 8.68 -20.42
CA PRO A 232 14.97 7.96 -21.60
C PRO A 232 15.83 6.78 -21.24
N ARG A 233 16.45 6.79 -20.07
CA ARG A 233 17.29 5.67 -19.69
C ARG A 233 16.47 4.44 -19.39
N ILE A 234 15.30 4.64 -18.78
CA ILE A 234 14.39 3.53 -18.49
C ILE A 234 13.71 3.06 -19.76
N LYS A 235 13.32 4.02 -20.61
CA LYS A 235 12.78 3.68 -21.92
C LYS A 235 13.75 2.80 -22.71
N ALA A 236 15.05 3.07 -22.59
CA ALA A 236 16.05 2.27 -23.33
C ALA A 236 16.10 0.84 -22.83
N ILE A 237 16.03 0.62 -21.51
CA ILE A 237 16.00 -0.73 -20.99
C ILE A 237 14.75 -1.44 -21.48
N ALA A 238 13.60 -0.74 -21.45
CA ALA A 238 12.37 -1.31 -21.96
C ALA A 238 12.49 -1.71 -23.43
N ALA A 239 13.04 -0.82 -24.27
CA ALA A 239 13.17 -1.13 -25.69
C ALA A 239 14.05 -2.36 -25.89
N LYS A 240 15.13 -2.48 -25.13
CA LYS A 240 16.04 -3.62 -25.26
C LYS A 240 15.30 -4.92 -25.01
N HIS A 241 14.34 -4.90 -24.09
CA HIS A 241 13.59 -6.09 -23.72
C HIS A 241 12.28 -6.20 -24.49
N ASN A 242 12.00 -5.31 -25.44
CA ASN A 242 10.74 -5.31 -26.17
C ASN A 242 9.52 -5.26 -25.23
N LYS A 243 9.59 -4.40 -24.22
N LYS A 243 9.59 -4.40 -24.22
CA LYS A 243 8.51 -4.19 -23.25
CA LYS A 243 8.51 -4.19 -23.27
C LYS A 243 8.28 -2.70 -23.10
C LYS A 243 8.23 -2.69 -23.19
N THR A 244 7.18 -2.31 -22.47
CA THR A 244 6.94 -0.91 -22.22
C THR A 244 7.72 -0.45 -20.99
N THR A 245 7.87 0.87 -20.87
N THR A 245 7.83 0.87 -20.86
CA THR A 245 8.53 1.42 -19.69
CA THR A 245 8.52 1.42 -19.70
C THR A 245 7.78 1.02 -18.42
C THR A 245 7.79 1.06 -18.42
N ALA A 246 6.45 1.09 -18.44
CA ALA A 246 5.68 0.67 -17.27
C ALA A 246 5.97 -0.79 -16.91
N GLN A 247 6.06 -1.67 -17.92
CA GLN A 247 6.36 -3.07 -17.64
C GLN A 247 7.72 -3.24 -16.96
N VAL A 248 8.73 -2.47 -17.41
CA VAL A 248 10.02 -2.51 -16.71
C VAL A 248 9.89 -2.01 -15.26
N LEU A 249 9.14 -0.93 -15.07
CA LEU A 249 8.98 -0.35 -13.72
C LEU A 249 8.25 -1.31 -12.79
N ILE A 250 7.39 -2.17 -13.32
CA ILE A 250 6.68 -3.17 -12.52
C ILE A 250 7.56 -4.39 -12.25
N ARG A 251 8.31 -4.84 -13.28
CA ARG A 251 9.16 -6.00 -13.11
C ARG A 251 10.30 -5.73 -12.14
N PHE A 252 10.80 -4.49 -12.10
CA PHE A 252 11.93 -4.09 -11.24
C PHE A 252 11.68 -4.50 -9.78
N PRO A 253 10.62 -4.05 -9.11
CA PRO A 253 10.42 -4.47 -7.72
C PRO A 253 10.19 -5.95 -7.59
N MET A 254 9.53 -6.58 -8.57
CA MET A 254 9.32 -8.01 -8.49
C MET A 254 10.63 -8.76 -8.31
N GLN A 255 11.66 -8.35 -9.03
CA GLN A 255 12.95 -9.01 -8.96
C GLN A 255 13.77 -8.66 -7.72
N ARG A 256 13.25 -7.76 -6.87
CA ARG A 256 13.82 -7.46 -5.56
C ARG A 256 13.06 -8.20 -4.46
N ASN A 257 12.19 -9.15 -4.85
N ASN A 257 12.23 -9.18 -4.85
CA ASN A 257 11.34 -9.90 -3.91
CA ASN A 257 11.37 -9.90 -3.92
C ASN A 257 10.30 -9.02 -3.23
C ASN A 257 10.41 -8.96 -3.20
N LEU A 258 9.88 -7.98 -3.93
CA LEU A 258 8.84 -7.09 -3.45
C LEU A 258 7.51 -7.46 -4.14
N VAL A 259 6.42 -7.08 -3.48
CA VAL A 259 5.10 -7.01 -4.07
C VAL A 259 4.96 -5.62 -4.68
N VAL A 260 4.18 -5.48 -5.75
CA VAL A 260 4.03 -4.20 -6.43
C VAL A 260 2.58 -4.00 -6.86
N ILE A 261 2.10 -2.76 -6.74
CA ILE A 261 0.67 -2.47 -6.89
C ILE A 261 0.40 -1.28 -7.81
N PRO A 262 0.78 -1.37 -9.09
CA PRO A 262 0.48 -0.28 -10.02
C PRO A 262 -1.01 -0.01 -10.11
N LYS A 263 -1.38 1.26 -10.21
CA LYS A 263 -2.76 1.69 -10.39
C LYS A 263 -3.06 2.04 -11.84
N SER A 264 -4.19 1.58 -12.32
CA SER A 264 -4.75 2.10 -13.57
C SER A 264 -6.25 1.90 -13.55
N VAL A 265 -6.94 2.82 -14.24
CA VAL A 265 -8.35 2.64 -14.62
C VAL A 265 -8.51 2.43 -16.11
N THR A 266 -7.42 2.31 -16.86
CA THR A 266 -7.49 2.19 -18.31
C THR A 266 -7.41 0.73 -18.67
N PRO A 267 -8.45 0.14 -19.28
CA PRO A 267 -8.42 -1.31 -19.51
C PRO A 267 -7.16 -1.82 -20.20
N GLU A 268 -6.67 -1.16 -21.23
N GLU A 268 -6.72 -1.14 -21.25
CA GLU A 268 -5.52 -1.74 -21.92
CA GLU A 268 -5.53 -1.58 -21.98
C GLU A 268 -4.24 -1.59 -21.10
C GLU A 268 -4.33 -1.62 -21.06
N ARG A 269 -4.16 -0.60 -20.21
CA ARG A 269 -3.00 -0.52 -19.31
C ARG A 269 -3.10 -1.56 -18.19
N ILE A 270 -4.31 -1.79 -17.67
CA ILE A 270 -4.49 -2.84 -16.69
C ILE A 270 -3.95 -4.16 -17.22
N ALA A 271 -4.33 -4.49 -18.46
CA ALA A 271 -3.85 -5.73 -19.06
C ALA A 271 -2.34 -5.68 -19.32
N GLU A 272 -1.84 -4.56 -19.86
CA GLU A 272 -0.40 -4.36 -20.10
C GLU A 272 0.42 -4.60 -18.85
N ASN A 273 -0.04 -4.00 -17.76
CA ASN A 273 0.71 -4.00 -16.52
C ASN A 273 0.83 -5.39 -15.93
N PHE A 274 -0.07 -6.31 -16.31
CA PHE A 274 0.00 -7.67 -15.81
C PHE A 274 0.95 -8.55 -16.61
N LYS A 275 1.31 -8.15 -17.84
N LYS A 275 1.40 -8.09 -17.79
CA LYS A 275 2.16 -8.97 -18.72
CA LYS A 275 2.15 -8.90 -18.74
C LYS A 275 3.63 -8.66 -18.40
C LYS A 275 3.66 -8.81 -18.47
N VAL A 276 4.03 -9.15 -17.23
CA VAL A 276 5.35 -8.92 -16.69
C VAL A 276 5.99 -10.20 -16.15
N PHE A 277 5.39 -11.34 -16.48
CA PHE A 277 5.88 -12.65 -16.05
C PHE A 277 6.54 -13.41 -17.20
N ASP A 278 6.93 -12.68 -18.25
N ASP A 278 7.00 -12.77 -18.25
CA ASP A 278 7.43 -13.21 -19.51
CA ASP A 278 7.65 -13.58 -19.26
C ASP A 278 8.79 -12.65 -19.92
C ASP A 278 9.00 -13.04 -19.67
N PHE A 279 9.52 -12.04 -18.98
CA PHE A 279 10.85 -11.51 -19.26
C PHE A 279 11.61 -11.30 -17.97
N GLU A 280 12.95 -11.17 -18.08
CA GLU A 280 13.81 -10.97 -16.93
C GLU A 280 14.77 -9.82 -17.17
N LEU A 281 14.85 -8.92 -16.19
CA LEU A 281 15.89 -7.91 -16.16
C LEU A 281 17.19 -8.56 -15.68
N SER A 282 18.32 -8.21 -16.31
CA SER A 282 19.61 -8.74 -15.86
C SER A 282 20.01 -8.07 -14.54
N SER A 283 21.00 -8.62 -13.84
N SER A 283 20.98 -8.66 -13.83
CA SER A 283 21.47 -7.94 -12.63
CA SER A 283 21.55 -8.02 -12.67
C SER A 283 22.12 -6.61 -12.96
C SER A 283 22.05 -6.63 -13.00
N GLN A 284 22.71 -6.48 -14.16
CA GLN A 284 23.20 -5.18 -14.61
C GLN A 284 22.04 -4.21 -14.82
N ASP A 285 20.93 -4.66 -15.43
CA ASP A 285 19.73 -3.83 -15.55
C ASP A 285 19.24 -3.38 -14.17
N MET A 286 19.19 -4.32 -13.23
CA MET A 286 18.71 -4.03 -11.88
C MET A 286 19.58 -2.99 -11.20
N THR A 287 20.90 -3.17 -11.26
CA THR A 287 21.82 -2.23 -10.64
C THR A 287 21.74 -0.88 -11.31
N THR A 288 21.58 -0.88 -12.63
CA THR A 288 21.42 0.37 -13.37
C THR A 288 20.16 1.11 -12.92
N LEU A 289 19.03 0.39 -12.82
CA LEU A 289 17.79 1.04 -12.33
C LEU A 289 17.98 1.54 -10.91
N LEU A 290 18.64 0.76 -10.05
CA LEU A 290 18.89 1.23 -8.68
C LEU A 290 19.72 2.50 -8.68
N SER A 291 20.59 2.68 -9.67
CA SER A 291 21.50 3.83 -9.68
C SER A 291 20.77 5.13 -9.90
N TYR A 292 19.49 5.08 -10.29
CA TYR A 292 18.73 6.28 -10.56
C TYR A 292 18.15 6.91 -9.30
N ASN A 293 18.40 6.31 -8.13
CA ASN A 293 17.85 6.83 -6.90
C ASN A 293 18.19 8.31 -6.73
N ARG A 294 17.20 9.09 -6.33
CA ARG A 294 17.42 10.48 -5.96
C ARG A 294 16.69 10.83 -4.67
N ASN A 295 16.20 9.84 -3.92
CA ASN A 295 15.46 10.09 -2.69
C ASN A 295 14.26 11.00 -2.93
N TRP A 296 13.57 10.78 -4.05
CA TRP A 296 12.44 11.59 -4.44
C TRP A 296 11.14 10.90 -4.06
N ARG A 297 10.30 11.55 -3.23
CA ARG A 297 9.02 10.98 -2.77
C ARG A 297 7.79 11.63 -3.40
N VAL A 298 6.90 10.79 -3.95
CA VAL A 298 5.53 11.15 -4.29
C VAL A 298 4.80 11.56 -3.02
N CYS A 299 4.94 10.74 -1.98
CA CYS A 299 4.05 10.77 -0.83
C CYS A 299 4.87 11.10 0.42
N ALA A 300 4.99 12.40 0.72
CA ALA A 300 5.78 12.85 1.84
C ALA A 300 4.96 13.30 3.06
N LEU A 301 3.64 13.24 2.98
CA LEU A 301 2.77 13.60 4.10
C LEU A 301 3.17 14.96 4.66
N LEU A 302 3.29 15.93 3.76
CA LEU A 302 3.86 17.23 4.11
C LEU A 302 2.99 18.01 5.09
N SER A 303 1.72 17.69 5.22
CA SER A 303 0.96 18.43 6.22
C SER A 303 1.21 17.94 7.64
N CYS A 304 2.00 16.87 7.85
CA CYS A 304 2.16 16.24 9.16
C CYS A 304 3.62 16.20 9.63
N THR A 305 4.48 17.09 9.12
CA THR A 305 5.90 17.00 9.44
C THR A 305 6.23 17.26 10.94
N SER A 306 5.33 17.88 11.70
N SER A 306 5.33 17.88 11.71
CA SER A 306 5.57 18.08 13.14
CA SER A 306 5.60 18.05 13.14
C SER A 306 4.94 16.99 14.00
C SER A 306 5.03 16.91 13.99
N HIS A 307 4.25 16.03 13.41
CA HIS A 307 3.65 14.96 14.20
C HIS A 307 4.75 14.15 14.84
N LYS A 308 4.53 13.72 16.09
N LYS A 308 4.58 13.73 16.09
CA LYS A 308 5.51 12.96 16.86
CA LYS A 308 5.67 13.01 16.75
C LYS A 308 5.98 11.71 16.12
C LYS A 308 6.07 11.76 15.97
N ASP A 309 5.12 11.13 15.30
CA ASP A 309 5.38 9.90 14.58
C ASP A 309 5.55 10.10 13.06
N TYR A 310 5.79 11.33 12.62
CA TYR A 310 6.09 11.56 11.21
C TYR A 310 7.24 10.64 10.80
N PRO A 311 7.12 9.91 9.68
CA PRO A 311 8.08 8.83 9.45
C PRO A 311 9.35 9.25 8.71
N PHE A 312 9.38 10.41 8.06
CA PHE A 312 10.40 10.66 7.04
C PHE A 312 11.46 11.67 7.47
N HIS A 313 11.61 11.95 8.77
CA HIS A 313 12.80 12.68 9.24
C HIS A 313 13.99 11.72 9.38
N GLU A 314 13.75 10.50 9.85
CA GLU A 314 14.80 9.49 9.89
C GLU A 314 15.31 9.22 8.49
N GLU A 315 16.60 8.87 8.40
CA GLU A 315 17.17 8.51 7.11
C GLU A 315 16.39 7.39 6.47
N PHE A 316 16.01 6.37 7.26
CA PHE A 316 15.21 5.29 6.74
C PHE A 316 14.46 4.60 7.86
PA NAP B . 1.28 4.56 -9.83
O1A NAP B . 2.76 4.76 -9.70
O2A NAP B . 0.68 3.21 -9.78
O5B NAP B . 0.84 5.37 -11.11
C5B NAP B . -0.54 5.49 -11.48
C4B NAP B . -0.62 6.36 -12.70
O4B NAP B . 0.09 5.73 -13.80
C3B NAP B . -2.02 6.68 -13.21
O3B NAP B . -2.03 8.02 -13.67
C2B NAP B . -2.19 5.70 -14.36
O2B NAP B . -3.08 6.20 -15.37
C1B NAP B . -0.78 5.63 -14.92
N9A NAP B . -0.46 4.40 -15.61
C8A NAP B . -0.72 3.13 -15.16
N7A NAP B . -0.30 2.19 -15.96
C5A NAP B . 0.29 2.88 -17.00
C6A NAP B . 0.91 2.43 -18.18
N6A NAP B . 1.01 1.14 -18.50
N1A NAP B . 1.36 3.37 -19.02
C2A NAP B . 1.23 4.66 -18.69
N3A NAP B . 0.68 5.19 -17.61
C4A NAP B . 0.21 4.24 -16.81
O3 NAP B . 0.63 5.50 -8.69
PN NAP B . -0.13 5.37 -7.30
O1N NAP B . -1.59 5.26 -7.54
O2N NAP B . 0.36 6.46 -6.46
O5D NAP B . 0.44 4.03 -6.61
C5D NAP B . -0.15 2.73 -6.86
C4D NAP B . -1.03 2.32 -5.70
O4D NAP B . -0.25 2.20 -4.48
C3D NAP B . -2.13 3.28 -5.31
O3D NAP B . -3.20 3.35 -6.22
C2D NAP B . -2.51 2.75 -3.93
O2D NAP B . -3.27 1.56 -4.13
C1D NAP B . -1.10 2.46 -3.37
N1N NAP B . -0.55 3.57 -2.59
C2N NAP B . -0.46 3.46 -1.22
C3N NAP B . -0.01 4.46 -0.44
C7N NAP B . 0.18 4.32 1.03
O7N NAP B . 0.33 5.31 1.74
N7N NAP B . 0.16 3.08 1.52
C4N NAP B . 0.38 5.69 -1.04
C5N NAP B . 0.38 5.73 -2.46
C6N NAP B . -0.07 4.72 -3.19
P2B NAP B . -4.58 5.63 -15.61
O1X NAP B . -5.12 5.17 -14.28
O2X NAP B . -4.44 4.52 -16.62
O3X NAP B . -5.29 6.86 -16.18
C1 CIT C . -19.94 6.55 2.65
O1 CIT C . -19.76 5.64 3.45
O2 CIT C . -20.97 7.27 2.71
C2 CIT C . -18.88 6.86 1.62
C3 CIT C . -18.51 5.63 0.76
O7 CIT C . -19.72 5.03 0.24
C4 CIT C . -17.64 6.09 -0.38
C5 CIT C . -17.44 5.01 -1.39
O3 CIT C . -16.83 3.97 -1.13
O4 CIT C . -17.89 5.22 -2.53
C6 CIT C . -17.77 4.63 1.62
O5 CIT C . -18.27 3.48 1.69
O6 CIT C . -16.72 4.92 2.24
C1 M0K D . -6.49 10.64 0.73
C1 M0K D . -0.28 12.84 1.66
C2 M0K D . -5.42 11.32 1.29
C2 M0K D . -1.66 12.78 1.77
C3 M0K D . -4.10 10.94 1.00
C3 M0K D . -2.38 11.74 1.19
C4 M0K D . -3.00 11.64 1.72
C4 M0K D . -3.85 11.71 1.45
C5 M0K D . -0.76 11.39 2.63
C5 M0K D . -5.81 10.37 2.02
C6 M0K D . 0.01 11.99 1.46
C6 M0K D . -6.67 10.37 0.76
C10 M0K D . -2.36 8.28 -0.56
C10 M0K D . -2.14 8.57 -0.44
O1 M0K D . -2.60 9.60 -0.19
O1 M0K D . -2.46 9.95 -0.29
O3 M0K D . -2.43 6.16 0.40
O3 M0K D . -2.78 8.30 1.88
C11 M0K D . -2.27 7.35 0.61
C11 M0K D . -2.43 7.81 0.82
O2 M0K D . -2.14 7.91 1.79
O2 M0K D . -2.19 6.53 0.65
C9 M0K D . -3.90 9.88 0.11
C9 M0K D . -1.68 10.78 0.46
C12 M0K D . -4.97 9.21 -0.46
C12 M0K D . -0.29 10.80 0.37
C M0K D . -6.23 9.63 -0.15
C M0K D . 0.36 11.85 0.97
F M0K D . -7.26 9.16 -0.86
F M0K D . 1.71 11.90 0.87
O M0K D . -2.97 12.86 1.84
O M0K D . -4.51 12.74 1.42
N M0K D . -2.03 10.85 2.19
N M0K D . -4.39 10.53 1.74
C8 M0K D . 1.48 11.75 1.36
C8 M0K D . -6.35 9.34 -0.27
C7 M0K D . 0.54 11.04 0.44
C7 M0K D . -6.07 10.78 -0.55
#